data_5LUH
#
_entry.id   5LUH
#
_cell.length_a   82.472
_cell.length_b   82.472
_cell.length_c   79.174
_cell.angle_alpha   90.00
_cell.angle_beta   90.00
_cell.angle_gamma   120.00
#
_symmetry.space_group_name_H-M   'P 32'
#
loop_
_entity.id
_entity.type
_entity.pdbx_description
1 polymer "Streptomycin 3''-adenylyltransferase"
2 non-polymer 'CALCIUM ION'
3 non-polymer "ADENOSINE-5'-TRIPHOSPHATE"
4 non-polymer STREPTOMYCIN
5 non-polymer 1,2-ETHANEDIOL
6 non-polymer DI(HYDROXYETHYL)ETHER
7 non-polymer 'CHLORIDE ION'
8 water water
#
_entity_poly.entity_id   1
_entity_poly.type   'polypeptide(L)'
_entity_poly.pdbx_seq_one_letter_code
;MTLSIPPSIQ(CSS)QTEAA(CME)RLITRVTGDTLRAIHLYGSAVAGGLKPNSDIDLLVTI(CSS)QPLTEAQRATLMQ
ELLALSSPPGASAEKRALQVTVVLYSQLVPWCFPPSREMQFGEWLREDICQGIYEPAQQDWDMVLLITQILETSIPLKGE
RAERLFTPAPAAQLLKALRYPLDLWQSTADVQGDEYHIVLTLARIWYTLSTGRFTSKDAAADWLLPQLPEDYAATLRAAQ
REYLGLEQQDWHILLPAVVRFVDFAKAHIPTQFTKGHHHHHH
;
_entity_poly.pdbx_strand_id   A,B
#
loop_
_chem_comp.id
_chem_comp.type
_chem_comp.name
_chem_comp.formula
ATP non-polymer ADENOSINE-5'-TRIPHOSPHATE 'C10 H16 N5 O13 P3'
CA non-polymer 'CALCIUM ION' 'Ca 2'
CL non-polymer 'CHLORIDE ION' 'Cl -1'
EDO non-polymer 1,2-ETHANEDIOL 'C2 H6 O2'
PEG non-polymer DI(HYDROXYETHYL)ETHER 'C4 H10 O3'
SRY non-polymer STREPTOMYCIN 'C21 H39 N7 O12'
#
# COMPACT_ATOMS: atom_id res chain seq x y z
N THR A 2 -29.35 -24.68 11.00
CA THR A 2 -28.42 -24.87 9.89
C THR A 2 -28.59 -23.79 8.82
N LEU A 3 -27.50 -23.05 8.60
CA LEU A 3 -27.50 -21.97 7.63
C LEU A 3 -27.83 -22.51 6.23
N SER A 4 -28.50 -21.68 5.43
CA SER A 4 -29.06 -22.08 4.16
C SER A 4 -28.49 -21.24 3.02
N ILE A 5 -28.32 -21.85 1.86
CA ILE A 5 -27.92 -21.11 0.66
C ILE A 5 -29.19 -20.48 0.10
N PRO A 6 -29.25 -19.16 -0.07
CA PRO A 6 -30.44 -18.55 -0.67
C PRO A 6 -30.78 -19.23 -1.99
N PRO A 7 -32.04 -19.68 -2.18
CA PRO A 7 -32.42 -20.28 -3.47
C PRO A 7 -32.00 -19.45 -4.68
N SER A 8 -32.03 -18.12 -4.57
CA SER A 8 -31.77 -17.30 -5.75
C SER A 8 -30.32 -17.28 -6.18
N ILE A 9 -29.39 -17.81 -5.38
CA ILE A 9 -28.01 -17.93 -5.81
C ILE A 9 -27.55 -19.38 -5.89
N GLN A 10 -28.43 -20.35 -5.68
CA GLN A 10 -27.97 -21.74 -5.63
C GLN A 10 -27.33 -22.20 -6.94
N CSS A 11 -27.95 -21.85 -8.06
CA CSS A 11 -27.47 -22.34 -9.37
CB CSS A 11 -28.43 -21.94 -10.49
SG CSS A 11 -27.91 -22.60 -12.09
SD CSS A 11 -28.51 -24.60 -11.84
C CSS A 11 -26.04 -21.78 -9.66
O CSS A 11 -25.14 -22.52 -10.02
N GLN A 12 -25.87 -20.47 -9.51
CA GLN A 12 -24.59 -19.83 -9.79
C GLN A 12 -23.52 -20.33 -8.82
N THR A 13 -23.91 -20.49 -7.55
CA THR A 13 -22.97 -21.00 -6.54
C THR A 13 -22.51 -22.40 -6.87
N GLU A 14 -23.44 -23.27 -7.28
CA GLU A 14 -23.09 -24.62 -7.68
C GLU A 14 -22.14 -24.60 -8.88
N ALA A 15 -22.38 -23.70 -9.85
CA ALA A 15 -21.50 -23.63 -11.01
C ALA A 15 -20.08 -23.18 -10.63
N ALA A 16 -19.98 -22.25 -9.70
CA ALA A 16 -18.67 -21.80 -9.23
C ALA A 16 -17.94 -22.94 -8.53
N CME A 17 -18.67 -23.66 -7.67
N CME A 17 -18.67 -23.66 -7.67
CA CME A 17 -18.10 -24.77 -6.89
CA CME A 17 -18.11 -24.77 -6.88
CB CME A 17 -19.14 -25.37 -5.95
CB CME A 17 -19.18 -25.38 -5.96
SG CME A 17 -18.57 -26.81 -5.01
SG CME A 17 -18.68 -26.87 -5.07
SD CME A 17 -18.88 -28.38 -6.26
SD CME A 17 -19.20 -28.40 -6.31
CE CME A 17 -20.39 -29.17 -5.62
CE CME A 17 -20.58 -29.22 -5.47
CZ CME A 17 -21.61 -28.45 -6.12
CZ CME A 17 -21.92 -28.65 -5.88
OH CME A 17 -21.48 -28.18 -7.51
OH CME A 17 -22.24 -27.51 -5.12
C CME A 17 -17.60 -25.85 -7.88
C CME A 17 -17.60 -25.86 -7.88
O CME A 17 -16.52 -26.42 -7.72
O CME A 17 -16.54 -26.43 -7.71
N ARG A 18 -18.39 -26.13 -8.91
CA ARG A 18 -18.01 -27.14 -9.91
C ARG A 18 -16.75 -26.72 -10.68
N LEU A 19 -16.67 -25.44 -11.06
CA LEU A 19 -15.49 -24.95 -11.76
C LEU A 19 -14.25 -25.00 -10.86
N ILE A 20 -14.35 -24.43 -9.66
CA ILE A 20 -13.20 -24.44 -8.74
C ILE A 20 -12.73 -25.87 -8.49
N THR A 21 -13.68 -26.81 -8.33
CA THR A 21 -13.31 -28.19 -8.05
C THR A 21 -12.55 -28.81 -9.22
N ARG A 22 -13.02 -28.56 -10.44
CA ARG A 22 -12.41 -29.17 -11.61
CA ARG A 22 -12.41 -29.17 -11.62
C ARG A 22 -11.00 -28.64 -11.86
N VAL A 23 -10.77 -27.35 -11.58
CA VAL A 23 -9.47 -26.76 -11.91
C VAL A 23 -8.43 -27.07 -10.83
N THR A 24 -8.84 -27.09 -9.56
CA THR A 24 -7.86 -27.32 -8.49
C THR A 24 -7.56 -28.80 -8.29
N GLY A 25 -8.53 -29.67 -8.58
CA GLY A 25 -8.28 -31.11 -8.50
C GLY A 25 -7.86 -31.53 -7.11
N ASP A 26 -6.74 -32.28 -7.06
CA ASP A 26 -6.33 -32.94 -5.83
C ASP A 26 -5.79 -31.99 -4.78
N THR A 27 -5.44 -30.75 -5.14
CA THR A 27 -4.98 -29.81 -4.13
C THR A 27 -6.13 -29.21 -3.32
N LEU A 28 -7.37 -29.35 -3.77
CA LEU A 28 -8.49 -28.72 -3.09
C LEU A 28 -8.70 -29.31 -1.70
N ARG A 29 -8.77 -28.44 -0.69
CA ARG A 29 -9.13 -28.86 0.67
C ARG A 29 -10.58 -28.51 1.02
N ALA A 30 -11.05 -27.32 0.70
CA ALA A 30 -12.44 -26.93 1.03
C ALA A 30 -12.86 -25.72 0.20
N ILE A 31 -14.18 -25.53 0.12
CA ILE A 31 -14.78 -24.30 -0.40
C ILE A 31 -15.87 -23.87 0.57
N HIS A 32 -15.83 -22.61 0.99
CA HIS A 32 -16.81 -22.08 1.95
C HIS A 32 -17.52 -20.86 1.36
N LEU A 33 -18.84 -20.86 1.48
CA LEU A 33 -19.66 -19.69 1.21
C LEU A 33 -19.80 -18.88 2.49
N TYR A 34 -19.57 -17.57 2.41
CA TYR A 34 -19.62 -16.70 3.58
C TYR A 34 -20.12 -15.33 3.12
N GLY A 35 -20.10 -14.34 4.02
CA GLY A 35 -20.53 -12.98 3.64
C GLY A 35 -22.05 -12.83 3.66
N SER A 36 -22.55 -11.80 2.97
CA SER A 36 -23.95 -11.41 3.20
C SER A 36 -24.95 -12.45 2.66
N ALA A 37 -24.55 -13.33 1.74
CA ALA A 37 -25.43 -14.40 1.29
C ALA A 37 -25.82 -15.34 2.45
N VAL A 38 -24.95 -15.52 3.43
N VAL A 38 -24.97 -15.54 3.44
CA VAL A 38 -25.21 -16.38 4.58
CA VAL A 38 -25.34 -16.37 4.58
C VAL A 38 -25.49 -15.58 5.83
C VAL A 38 -25.49 -15.59 5.87
N ALA A 39 -24.72 -14.51 6.07
CA ALA A 39 -24.84 -13.72 7.29
C ALA A 39 -26.00 -12.74 7.24
N GLY A 40 -26.51 -12.44 6.05
CA GLY A 40 -27.62 -11.52 6.01
C GLY A 40 -27.24 -10.24 5.30
N GLY A 41 -28.21 -9.65 4.61
CA GLY A 41 -28.03 -8.40 3.92
C GLY A 41 -27.67 -8.55 2.45
N LEU A 42 -28.30 -9.48 1.76
CA LEU A 42 -28.00 -9.72 0.34
C LEU A 42 -28.77 -8.70 -0.49
N LYS A 43 -28.07 -7.73 -1.09
CA LYS A 43 -28.67 -6.66 -1.86
C LYS A 43 -28.56 -6.94 -3.35
N PRO A 44 -29.28 -6.18 -4.18
CA PRO A 44 -29.12 -6.37 -5.64
C PRO A 44 -27.69 -6.28 -6.16
N ASN A 45 -26.86 -5.38 -5.63
CA ASN A 45 -25.48 -5.28 -6.08
C ASN A 45 -24.52 -6.21 -5.34
N SER A 46 -25.00 -6.98 -4.36
CA SER A 46 -24.12 -7.81 -3.54
C SER A 46 -23.44 -8.89 -4.37
N ASP A 47 -22.19 -9.18 -4.05
CA ASP A 47 -21.48 -10.29 -4.66
C ASP A 47 -21.75 -11.59 -3.88
N ILE A 48 -21.25 -12.69 -4.43
CA ILE A 48 -21.25 -14.00 -3.77
C ILE A 48 -19.84 -14.26 -3.28
N ASP A 49 -19.66 -14.40 -1.96
CA ASP A 49 -18.31 -14.48 -1.37
C ASP A 49 -17.92 -15.95 -1.17
N LEU A 50 -16.76 -16.35 -1.74
CA LEU A 50 -16.26 -17.72 -1.67
C LEU A 50 -14.81 -17.74 -1.21
N LEU A 51 -14.50 -18.67 -0.32
CA LEU A 51 -13.13 -18.90 0.14
C LEU A 51 -12.71 -20.28 -0.31
N VAL A 52 -11.61 -20.36 -1.04
CA VAL A 52 -11.09 -21.64 -1.50
C VAL A 52 -9.80 -21.92 -0.75
N THR A 53 -9.77 -23.04 -0.03
CA THR A 53 -8.61 -23.48 0.72
C THR A 53 -7.93 -24.62 -0.04
N ILE A 54 -6.65 -24.45 -0.37
CA ILE A 54 -5.91 -25.48 -1.12
C ILE A 54 -4.64 -25.90 -0.36
N CSS A 55 -4.05 -27.02 -0.76
CA CSS A 55 -2.92 -27.60 0.01
CB CSS A 55 -2.97 -29.13 0.01
SG CSS A 55 -4.39 -29.78 0.94
SD CSS A 55 -3.91 -29.34 2.90
C CSS A 55 -1.57 -27.12 -0.56
O CSS A 55 -0.66 -26.82 0.16
N GLN A 56 -1.47 -27.05 -1.89
CA GLN A 56 -0.26 -26.55 -2.53
C GLN A 56 -0.57 -25.38 -3.46
N PRO A 57 0.39 -24.49 -3.67
CA PRO A 57 0.15 -23.36 -4.58
C PRO A 57 -0.25 -23.83 -5.98
N LEU A 58 -1.03 -22.99 -6.66
CA LEU A 58 -1.47 -23.30 -8.01
C LEU A 58 -0.36 -23.07 -9.01
N THR A 59 -0.33 -23.90 -10.06
CA THR A 59 0.62 -23.64 -11.13
C THR A 59 0.22 -22.39 -11.90
N GLU A 60 1.18 -21.87 -12.68
CA GLU A 60 0.92 -20.68 -13.48
C GLU A 60 -0.25 -20.90 -14.42
N ALA A 61 -0.39 -22.12 -14.94
CA ALA A 61 -1.48 -22.42 -15.87
C ALA A 61 -2.82 -22.51 -15.13
N GLN A 62 -2.81 -23.06 -13.91
CA GLN A 62 -4.04 -23.17 -13.13
C GLN A 62 -4.60 -21.80 -12.77
N ARG A 63 -3.73 -20.90 -12.30
CA ARG A 63 -4.15 -19.53 -11.99
C ARG A 63 -4.83 -18.88 -13.20
N ALA A 64 -4.27 -19.07 -14.39
CA ALA A 64 -4.85 -18.50 -15.60
C ALA A 64 -6.18 -19.16 -15.94
N THR A 65 -6.24 -20.49 -15.87
CA THR A 65 -7.49 -21.20 -16.12
C THR A 65 -8.58 -20.73 -15.18
N LEU A 66 -8.29 -20.67 -13.89
CA LEU A 66 -9.29 -20.31 -12.89
C LEU A 66 -9.75 -18.87 -13.08
N MET A 67 -8.81 -17.95 -13.26
CA MET A 67 -9.15 -16.54 -13.46
C MET A 67 -10.03 -16.36 -14.70
N GLN A 68 -9.62 -16.96 -15.83
CA GLN A 68 -10.36 -16.76 -17.07
C GLN A 68 -11.76 -17.35 -16.99
N GLU A 69 -11.90 -18.55 -16.43
CA GLU A 69 -13.21 -19.17 -16.36
C GLU A 69 -14.11 -18.48 -15.35
N LEU A 70 -13.55 -17.96 -14.25
CA LEU A 70 -14.38 -17.20 -13.31
C LEU A 70 -14.95 -15.96 -13.98
N LEU A 71 -14.20 -15.34 -14.90
CA LEU A 71 -14.73 -14.21 -15.66
C LEU A 71 -16.05 -14.54 -16.34
N ALA A 72 -16.17 -15.75 -16.90
CA ALA A 72 -17.41 -16.13 -17.60
C ALA A 72 -18.52 -16.51 -16.63
N LEU A 73 -18.20 -16.86 -15.38
CA LEU A 73 -19.21 -17.18 -14.39
C LEU A 73 -19.73 -15.97 -13.62
N SER A 74 -19.06 -14.82 -13.74
CA SER A 74 -19.31 -13.61 -12.95
C SER A 74 -19.80 -12.49 -13.86
N SER A 75 -20.53 -11.54 -13.30
CA SER A 75 -20.93 -10.32 -14.00
C SER A 75 -20.67 -9.13 -13.10
N PRO A 76 -20.51 -7.94 -13.66
CA PRO A 76 -20.36 -6.74 -12.84
C PRO A 76 -21.56 -6.58 -11.91
N PRO A 77 -21.32 -6.10 -10.69
CA PRO A 77 -22.41 -6.01 -9.71
C PRO A 77 -23.54 -5.12 -10.23
N GLY A 78 -24.77 -5.59 -10.06
CA GLY A 78 -25.92 -4.87 -10.57
C GLY A 78 -26.25 -5.09 -12.03
N ALA A 79 -25.34 -5.69 -12.81
CA ALA A 79 -25.64 -5.93 -14.22
C ALA A 79 -26.79 -6.92 -14.39
N SER A 80 -26.89 -7.92 -13.52
CA SER A 80 -27.95 -8.91 -13.65
C SER A 80 -28.43 -9.36 -12.30
N ALA A 81 -29.74 -9.58 -12.20
CA ALA A 81 -30.30 -10.12 -10.97
C ALA A 81 -30.08 -11.62 -10.80
N GLU A 82 -29.77 -12.34 -11.90
N GLU A 82 -29.75 -12.36 -11.87
CA GLU A 82 -29.55 -13.78 -11.87
CA GLU A 82 -29.51 -13.79 -11.72
C GLU A 82 -28.09 -14.19 -12.01
C GLU A 82 -28.10 -14.21 -12.12
N LYS A 83 -27.19 -13.27 -12.37
CA LYS A 83 -25.77 -13.57 -12.55
C LYS A 83 -25.00 -12.49 -11.81
N ARG A 84 -24.68 -12.76 -10.55
CA ARG A 84 -24.07 -11.80 -9.64
C ARG A 84 -22.55 -11.74 -9.86
N ALA A 85 -21.95 -10.72 -9.26
CA ALA A 85 -20.51 -10.67 -9.12
C ALA A 85 -20.03 -11.78 -8.20
N LEU A 86 -18.91 -12.41 -8.56
CA LEU A 86 -18.28 -13.41 -7.72
C LEU A 86 -17.04 -12.81 -7.07
N GLN A 87 -16.81 -13.13 -5.81
CA GLN A 87 -15.53 -12.85 -5.16
CA GLN A 87 -15.53 -12.86 -5.17
C GLN A 87 -14.96 -14.18 -4.69
N VAL A 88 -13.79 -14.53 -5.18
CA VAL A 88 -13.17 -15.82 -4.87
C VAL A 88 -11.80 -15.52 -4.31
N THR A 89 -11.58 -15.88 -3.04
CA THR A 89 -10.29 -15.73 -2.39
C THR A 89 -9.72 -17.12 -2.18
N VAL A 90 -8.47 -17.31 -2.54
CA VAL A 90 -7.81 -18.60 -2.45
C VAL A 90 -6.69 -18.50 -1.45
N VAL A 91 -6.66 -19.45 -0.50
CA VAL A 91 -5.67 -19.42 0.59
C VAL A 91 -5.09 -20.81 0.77
N LEU A 92 -3.80 -20.84 1.13
CA LEU A 92 -3.11 -22.08 1.48
C LEU A 92 -3.47 -22.51 2.89
N TYR A 93 -3.78 -23.80 3.06
CA TYR A 93 -4.09 -24.32 4.39
C TYR A 93 -2.95 -24.09 5.35
N SER A 94 -1.71 -24.17 4.86
CA SER A 94 -0.54 -23.96 5.70
C SER A 94 -0.42 -22.52 6.20
N GLN A 95 -1.16 -21.57 5.63
CA GLN A 95 -1.15 -20.21 6.15
C GLN A 95 -2.10 -20.01 7.32
N LEU A 96 -2.99 -20.97 7.58
CA LEU A 96 -4.02 -20.82 8.60
C LEU A 96 -3.92 -21.84 9.73
N VAL A 97 -3.32 -23.00 9.49
CA VAL A 97 -3.20 -24.04 10.49
C VAL A 97 -1.79 -24.60 10.43
N PRO A 98 -0.90 -24.16 11.32
CA PRO A 98 -1.08 -23.06 12.27
C PRO A 98 -1.05 -21.68 11.61
N TRP A 99 -1.57 -20.69 12.32
CA TRP A 99 -1.69 -19.35 11.78
C TRP A 99 -0.36 -18.72 11.44
N CYS A 100 -0.34 -17.99 10.34
N CYS A 100 -0.33 -18.00 10.31
CA CYS A 100 0.74 -17.06 10.00
CA CYS A 100 0.73 -17.05 10.00
C CYS A 100 0.17 -15.64 10.03
C CYS A 100 0.14 -15.65 10.07
N PHE A 101 0.86 -14.74 10.73
CA PHE A 101 0.38 -13.37 10.89
C PHE A 101 1.36 -12.37 10.30
N PRO A 102 0.91 -11.56 9.34
CA PRO A 102 -0.40 -11.66 8.66
C PRO A 102 -0.42 -12.82 7.69
N PRO A 103 -1.57 -13.44 7.48
CA PRO A 103 -1.63 -14.55 6.52
C PRO A 103 -1.51 -14.01 5.11
N SER A 104 -1.05 -14.88 4.21
CA SER A 104 -0.98 -14.56 2.80
C SER A 104 -2.19 -15.17 2.08
N ARG A 105 -2.55 -14.57 0.95
CA ARG A 105 -3.57 -15.15 0.09
C ARG A 105 -2.96 -15.46 -1.27
N GLU A 106 -3.24 -16.67 -1.76
CA GLU A 106 -2.70 -17.12 -3.04
C GLU A 106 -3.22 -16.28 -4.20
N MET A 107 -4.53 -16.04 -4.24
N MET A 107 -4.53 -16.00 -4.20
CA MET A 107 -5.06 -15.24 -5.33
CA MET A 107 -5.20 -15.45 -5.37
C MET A 107 -6.42 -14.72 -4.93
C MET A 107 -6.47 -14.74 -4.93
N GLN A 108 -6.88 -13.74 -5.70
CA GLN A 108 -8.19 -13.14 -5.48
C GLN A 108 -8.80 -12.80 -6.83
N PHE A 109 -10.03 -13.29 -7.04
CA PHE A 109 -10.84 -12.88 -8.17
C PHE A 109 -11.93 -11.92 -7.70
N GLY A 110 -12.14 -10.87 -8.48
CA GLY A 110 -13.25 -9.96 -8.24
C GLY A 110 -13.55 -9.10 -9.44
N GLU A 111 -14.78 -8.58 -9.49
CA GLU A 111 -15.16 -7.76 -10.63
C GLU A 111 -14.38 -6.46 -10.71
N TRP A 112 -13.88 -5.95 -9.58
CA TRP A 112 -13.06 -4.75 -9.61
C TRP A 112 -11.74 -4.97 -10.35
N LEU A 113 -11.40 -6.22 -10.65
CA LEU A 113 -10.18 -6.56 -11.39
C LEU A 113 -10.46 -7.04 -12.80
N ARG A 114 -11.71 -6.91 -13.28
CA ARG A 114 -12.05 -7.51 -14.58
C ARG A 114 -11.15 -6.98 -15.69
N GLU A 115 -10.84 -5.68 -15.69
CA GLU A 115 -10.04 -5.13 -16.78
C GLU A 115 -8.62 -5.69 -16.77
N ASP A 116 -8.05 -5.92 -15.59
CA ASP A 116 -6.74 -6.55 -15.53
C ASP A 116 -6.82 -8.02 -15.89
N ILE A 117 -7.78 -8.73 -15.28
CA ILE A 117 -7.88 -10.17 -15.46
C ILE A 117 -8.19 -10.52 -16.91
N CYS A 118 -9.04 -9.71 -17.56
N CYS A 118 -9.04 -9.72 -17.56
CA CYS A 118 -9.34 -9.90 -18.98
CA CYS A 118 -9.32 -9.97 -18.97
C CYS A 118 -8.11 -9.73 -19.85
C CYS A 118 -8.10 -9.73 -19.85
N GLN A 119 -7.05 -9.13 -19.34
CA GLN A 119 -5.79 -9.00 -20.04
C GLN A 119 -4.76 -10.02 -19.61
N GLY A 120 -5.10 -10.89 -18.66
CA GLY A 120 -4.12 -11.82 -18.14
C GLY A 120 -3.22 -11.25 -17.06
N ILE A 121 -3.57 -10.10 -16.50
CA ILE A 121 -2.82 -9.51 -15.40
C ILE A 121 -3.45 -9.97 -14.10
N TYR A 122 -2.72 -10.76 -13.32
CA TYR A 122 -3.23 -11.35 -12.08
C TYR A 122 -2.43 -10.84 -10.90
N GLU A 123 -3.11 -10.63 -9.78
CA GLU A 123 -2.42 -10.28 -8.54
C GLU A 123 -1.62 -11.48 -8.05
N PRO A 124 -0.36 -11.30 -7.66
CA PRO A 124 0.39 -12.42 -7.08
C PRO A 124 -0.09 -12.71 -5.66
N ALA A 125 0.38 -13.84 -5.11
CA ALA A 125 0.19 -14.10 -3.70
C ALA A 125 0.77 -12.96 -2.88
N GLN A 126 0.08 -12.58 -1.81
CA GLN A 126 0.55 -11.45 -1.02
C GLN A 126 -0.08 -11.49 0.36
N GLN A 127 0.58 -10.79 1.28
CA GLN A 127 0.09 -10.66 2.65
C GLN A 127 -1.21 -9.86 2.68
N ASP A 128 -2.15 -10.29 3.53
CA ASP A 128 -3.46 -9.64 3.60
C ASP A 128 -4.01 -9.77 5.02
N TRP A 129 -3.93 -8.68 5.79
CA TRP A 129 -4.50 -8.69 7.13
C TRP A 129 -5.99 -9.03 7.13
N ASP A 130 -6.70 -8.68 6.04
CA ASP A 130 -8.13 -8.98 6.05
C ASP A 130 -8.43 -10.47 6.12
N MET A 131 -7.48 -11.33 5.71
CA MET A 131 -7.71 -12.77 5.84
CA MET A 131 -7.69 -12.78 5.84
C MET A 131 -8.01 -13.18 7.27
N VAL A 132 -7.44 -12.48 8.27
CA VAL A 132 -7.80 -12.79 9.65
C VAL A 132 -9.29 -12.54 9.88
N LEU A 133 -9.81 -11.44 9.33
CA LEU A 133 -11.24 -11.14 9.51
C LEU A 133 -12.10 -12.11 8.71
N LEU A 134 -11.65 -12.47 7.50
CA LEU A 134 -12.39 -13.42 6.69
CA LEU A 134 -12.35 -13.43 6.67
C LEU A 134 -12.58 -14.74 7.43
N ILE A 135 -11.49 -15.34 7.92
CA ILE A 135 -11.58 -16.61 8.63
C ILE A 135 -12.42 -16.46 9.90
N THR A 136 -12.28 -15.34 10.61
CA THR A 136 -13.06 -15.15 11.84
C THR A 136 -14.55 -15.12 11.52
N GLN A 137 -14.93 -14.45 10.44
CA GLN A 137 -16.34 -14.42 10.06
C GLN A 137 -16.82 -15.79 9.58
N ILE A 138 -15.97 -16.51 8.83
CA ILE A 138 -16.32 -17.84 8.37
C ILE A 138 -16.52 -18.80 9.54
N LEU A 139 -15.67 -18.68 10.58
CA LEU A 139 -15.85 -19.52 11.76
C LEU A 139 -17.19 -19.31 12.43
N GLU A 140 -17.78 -18.13 12.29
CA GLU A 140 -19.09 -17.90 12.92
C GLU A 140 -20.23 -18.26 11.98
N THR A 141 -20.14 -17.88 10.70
CA THR A 141 -21.25 -17.99 9.77
C THR A 141 -20.71 -18.36 8.40
N SER A 142 -20.88 -19.62 8.00
CA SER A 142 -20.47 -20.04 6.67
C SER A 142 -21.12 -21.37 6.34
N ILE A 143 -21.01 -21.75 5.06
CA ILE A 143 -21.53 -23.02 4.57
C ILE A 143 -20.45 -23.74 3.79
N PRO A 144 -20.14 -25.00 4.12
CA PRO A 144 -19.12 -25.73 3.38
C PRO A 144 -19.68 -26.30 2.09
N LEU A 145 -19.39 -25.67 0.95
CA LEU A 145 -19.80 -26.24 -0.33
C LEU A 145 -18.97 -27.47 -0.68
N LYS A 146 -17.73 -27.49 -0.25
CA LYS A 146 -16.82 -28.63 -0.38
C LYS A 146 -16.04 -28.74 0.90
N GLY A 147 -15.80 -29.96 1.38
CA GLY A 147 -14.95 -30.16 2.54
C GLY A 147 -15.70 -29.96 3.85
N GLU A 148 -14.92 -29.81 4.93
CA GLU A 148 -15.49 -29.81 6.26
C GLU A 148 -15.99 -28.44 6.68
N ARG A 149 -16.91 -28.44 7.63
CA ARG A 149 -17.39 -27.19 8.21
C ARG A 149 -16.22 -26.43 8.84
N ALA A 150 -16.33 -25.10 8.82
CA ALA A 150 -15.19 -24.25 9.14
C ALA A 150 -14.63 -24.53 10.54
N GLU A 151 -15.50 -24.75 11.52
CA GLU A 151 -15.02 -24.94 12.89
C GLU A 151 -14.24 -26.25 13.05
N ARG A 152 -14.40 -27.20 12.13
CA ARG A 152 -13.59 -28.41 12.15
C ARG A 152 -12.29 -28.27 11.38
N LEU A 153 -12.12 -27.18 10.64
CA LEU A 153 -10.98 -26.98 9.77
C LEU A 153 -10.05 -25.88 10.24
N PHE A 154 -10.57 -24.75 10.68
CA PHE A 154 -9.78 -23.61 11.11
C PHE A 154 -9.86 -23.43 12.62
N THR A 155 -8.87 -22.75 13.17
CA THR A 155 -8.94 -22.36 14.57
C THR A 155 -9.05 -20.85 14.70
N PRO A 156 -9.65 -20.35 15.78
CA PRO A 156 -9.71 -18.90 15.98
C PRO A 156 -8.32 -18.28 16.09
N ALA A 157 -8.18 -17.08 15.52
CA ALA A 157 -7.00 -16.27 15.77
C ALA A 157 -6.99 -15.77 17.21
N PRO A 158 -5.83 -15.50 17.78
CA PRO A 158 -5.80 -14.84 19.09
C PRO A 158 -6.45 -13.47 19.00
N ALA A 159 -7.09 -13.05 20.10
CA ALA A 159 -7.74 -11.75 20.10
C ALA A 159 -6.76 -10.65 19.73
N ALA A 160 -5.49 -10.78 20.13
CA ALA A 160 -4.50 -9.73 19.87
C ALA A 160 -4.28 -9.53 18.38
N GLN A 161 -4.38 -10.61 17.60
CA GLN A 161 -4.23 -10.51 16.15
C GLN A 161 -5.53 -10.02 15.49
N LEU A 162 -6.68 -10.44 16.00
CA LEU A 162 -7.94 -9.91 15.48
C LEU A 162 -8.00 -8.40 15.65
N LEU A 163 -7.49 -7.89 16.78
CA LEU A 163 -7.47 -6.45 16.99
C LEU A 163 -6.61 -5.74 15.95
N LYS A 164 -5.42 -6.29 15.69
CA LYS A 164 -4.52 -5.71 14.69
C LYS A 164 -5.14 -5.73 13.29
N ALA A 165 -5.81 -6.82 12.95
CA ALA A 165 -6.48 -6.91 11.66
C ALA A 165 -7.64 -5.91 11.55
N LEU A 166 -8.34 -5.65 12.65
CA LEU A 166 -9.47 -4.72 12.59
C LEU A 166 -8.98 -3.28 12.46
N ARG A 167 -7.88 -2.93 13.11
CA ARG A 167 -7.40 -1.55 13.11
C ARG A 167 -6.48 -1.25 11.94
N TYR A 168 -6.00 -2.26 11.22
CA TYR A 168 -5.08 -2.02 10.11
C TYR A 168 -5.64 -1.08 9.05
N PRO A 169 -6.82 -1.33 8.47
CA PRO A 169 -7.32 -0.36 7.47
C PRO A 169 -7.64 0.99 8.09
N LEU A 170 -7.97 1.00 9.39
CA LEU A 170 -8.28 2.25 10.08
C LEU A 170 -7.09 3.20 10.03
N ASP A 171 -5.89 2.71 10.33
CA ASP A 171 -4.70 3.55 10.28
C ASP A 171 -4.32 3.95 8.86
N LEU A 172 -4.72 3.16 7.84
CA LEU A 172 -4.34 3.44 6.46
C LEU A 172 -5.25 4.48 5.77
N TRP A 173 -6.51 4.59 6.17
CA TRP A 173 -7.36 5.64 5.60
C TRP A 173 -6.97 6.98 6.19
N GLN A 174 -6.42 7.87 5.34
CA GLN A 174 -5.91 9.14 5.84
C GLN A 174 -6.33 10.32 4.96
N SER A 175 -6.07 10.23 3.67
CA SER A 175 -6.19 11.37 2.77
C SER A 175 -7.49 11.31 1.97
N THR A 176 -7.80 12.43 1.31
CA THR A 176 -8.90 12.47 0.35
C THR A 176 -8.78 11.37 -0.71
N ALA A 177 -7.56 11.11 -1.18
CA ALA A 177 -7.38 10.10 -2.22
C ALA A 177 -7.47 8.68 -1.69
N ASP A 178 -7.19 8.45 -0.40
CA ASP A 178 -7.35 7.13 0.19
C ASP A 178 -8.81 6.67 0.13
N VAL A 179 -9.76 7.60 0.17
CA VAL A 179 -11.18 7.27 0.27
C VAL A 179 -11.96 7.57 -1.00
N GLN A 180 -11.44 8.42 -1.89
CA GLN A 180 -12.17 8.77 -3.10
C GLN A 180 -12.48 7.53 -3.93
N GLY A 181 -13.70 7.46 -4.45
CA GLY A 181 -14.18 6.30 -5.18
C GLY A 181 -14.82 5.22 -4.32
N ASP A 182 -14.60 5.22 -3.00
CA ASP A 182 -15.13 4.18 -2.12
C ASP A 182 -15.80 4.80 -0.91
N GLU A 183 -16.42 5.96 -1.08
CA GLU A 183 -16.85 6.75 0.07
C GLU A 183 -17.85 6.00 0.95
N TYR A 184 -18.97 5.56 0.38
CA TYR A 184 -19.96 4.95 1.27
C TYR A 184 -19.47 3.61 1.78
N HIS A 185 -18.69 2.88 0.96
CA HIS A 185 -18.14 1.62 1.45
C HIS A 185 -17.28 1.85 2.69
N ILE A 186 -16.44 2.89 2.65
CA ILE A 186 -15.51 3.09 3.75
C ILE A 186 -16.25 3.56 5.00
N VAL A 187 -17.21 4.46 4.83
CA VAL A 187 -18.03 4.91 5.96
C VAL A 187 -18.74 3.72 6.62
N LEU A 188 -19.32 2.83 5.82
CA LEU A 188 -20.02 1.67 6.38
C LEU A 188 -19.05 0.67 7.01
N THR A 189 -17.88 0.50 6.41
CA THR A 189 -16.91 -0.43 6.97
C THR A 189 -16.36 0.08 8.30
N LEU A 190 -16.14 1.39 8.40
CA LEU A 190 -15.80 1.99 9.69
C LEU A 190 -16.87 1.70 10.73
N ALA A 191 -18.15 1.78 10.33
CA ALA A 191 -19.21 1.45 11.29
C ALA A 191 -19.14 0.00 11.74
N ARG A 192 -18.82 -0.93 10.81
CA ARG A 192 -18.70 -2.33 11.18
C ARG A 192 -17.50 -2.57 12.08
N ILE A 193 -16.39 -1.88 11.82
CA ILE A 193 -15.20 -2.00 12.66
C ILE A 193 -15.49 -1.51 14.07
N TRP A 194 -16.11 -0.35 14.17
CA TRP A 194 -16.50 0.20 15.46
C TRP A 194 -17.40 -0.77 16.22
N TYR A 195 -18.40 -1.31 15.53
CA TYR A 195 -19.31 -2.27 16.14
C TYR A 195 -18.55 -3.46 16.71
N THR A 196 -17.67 -4.06 15.89
CA THR A 196 -16.97 -5.26 16.31
C THR A 196 -16.04 -4.99 17.49
N LEU A 197 -15.33 -3.86 17.48
CA LEU A 197 -14.45 -3.55 18.60
C LEU A 197 -15.25 -3.26 19.87
N SER A 198 -16.48 -2.76 19.73
CA SER A 198 -17.26 -2.41 20.92
C SER A 198 -18.02 -3.58 21.52
N THR A 199 -18.35 -4.58 20.71
CA THR A 199 -19.24 -5.65 21.14
C THR A 199 -18.63 -7.03 20.97
N GLY A 200 -17.55 -7.15 20.22
CA GLY A 200 -16.96 -8.44 19.92
C GLY A 200 -17.65 -9.22 18.82
N ARG A 201 -18.67 -8.67 18.19
CA ARG A 201 -19.46 -9.41 17.21
C ARG A 201 -19.32 -8.78 15.82
N PHE A 202 -19.79 -9.53 14.82
CA PHE A 202 -19.86 -9.06 13.45
C PHE A 202 -21.31 -8.88 13.04
N THR A 203 -21.56 -7.89 12.18
CA THR A 203 -22.93 -7.59 11.76
C THR A 203 -22.88 -6.98 10.37
N SER A 204 -24.07 -6.86 9.75
CA SER A 204 -24.19 -6.35 8.38
C SER A 204 -23.86 -4.86 8.30
N LYS A 205 -23.58 -4.41 7.08
CA LYS A 205 -23.32 -2.99 6.83
C LYS A 205 -24.46 -2.13 7.32
N ASP A 206 -25.69 -2.53 6.98
CA ASP A 206 -26.89 -1.77 7.34
C ASP A 206 -27.07 -1.74 8.86
N ALA A 207 -26.98 -2.92 9.51
CA ALA A 207 -27.20 -3.01 10.96
C ALA A 207 -26.10 -2.29 11.74
N ALA A 208 -24.85 -2.35 11.28
CA ALA A 208 -23.77 -1.58 11.91
C ALA A 208 -24.04 -0.08 11.82
N ALA A 209 -24.56 0.39 10.68
CA ALA A 209 -24.90 1.81 10.59
C ALA A 209 -25.99 2.18 11.59
N ASP A 210 -27.00 1.32 11.73
CA ASP A 210 -28.09 1.62 12.67
C ASP A 210 -27.61 1.60 14.10
N TRP A 211 -26.64 0.72 14.41
CA TRP A 211 -26.07 0.64 15.74
C TRP A 211 -25.28 1.90 16.10
N LEU A 212 -24.53 2.44 15.14
CA LEU A 212 -23.67 3.59 15.42
C LEU A 212 -24.40 4.92 15.39
N LEU A 213 -25.42 5.06 14.54
CA LEU A 213 -26.06 6.35 14.28
C LEU A 213 -26.47 7.12 15.54
N PRO A 214 -27.22 6.55 16.50
CA PRO A 214 -27.66 7.36 17.65
C PRO A 214 -26.53 7.73 18.61
N GLN A 215 -25.31 7.23 18.41
CA GLN A 215 -24.17 7.57 19.24
C GLN A 215 -23.34 8.72 18.68
N LEU A 216 -23.61 9.14 17.51
CA LEU A 216 -22.79 10.14 16.84
C LEU A 216 -23.32 11.55 17.07
N PRO A 217 -22.42 12.54 17.14
CA PRO A 217 -22.84 13.92 16.92
C PRO A 217 -23.56 14.01 15.58
N GLU A 218 -24.55 14.90 15.51
CA GLU A 218 -25.46 14.86 14.36
C GLU A 218 -24.74 15.04 13.03
N ASP A 219 -23.66 15.82 12.99
CA ASP A 219 -22.98 16.03 11.71
C ASP A 219 -22.38 14.73 11.17
N TYR A 220 -21.84 13.89 12.05
CA TYR A 220 -21.32 12.59 11.63
C TYR A 220 -22.47 11.62 11.35
N ALA A 221 -23.56 11.73 12.11
CA ALA A 221 -24.71 10.88 11.80
C ALA A 221 -25.22 11.16 10.37
N ALA A 222 -25.21 12.43 9.96
CA ALA A 222 -25.73 12.76 8.64
C ALA A 222 -24.89 12.13 7.53
N THR A 223 -23.57 12.10 7.70
CA THR A 223 -22.71 11.45 6.72
C THR A 223 -22.97 9.94 6.69
N LEU A 224 -23.06 9.31 7.87
CA LEU A 224 -23.34 7.87 7.91
C LEU A 224 -24.71 7.57 7.30
N ARG A 225 -25.71 8.40 7.60
CA ARG A 225 -27.04 8.17 7.04
CA ARG A 225 -27.04 8.19 7.05
C ARG A 225 -27.02 8.24 5.51
N ALA A 226 -26.23 9.16 4.95
CA ALA A 226 -26.17 9.28 3.50
C ALA A 226 -25.50 8.06 2.88
N ALA A 227 -24.43 7.55 3.52
CA ALA A 227 -23.78 6.35 3.01
C ALA A 227 -24.70 5.15 3.10
N GLN A 228 -25.41 4.99 4.23
CA GLN A 228 -26.37 3.91 4.38
C GLN A 228 -27.49 4.01 3.34
N ARG A 229 -28.02 5.21 3.16
CA ARG A 229 -29.12 5.40 2.21
C ARG A 229 -28.70 5.06 0.79
N GLU A 230 -27.47 5.39 0.41
CA GLU A 230 -27.01 5.03 -0.93
C GLU A 230 -26.83 3.53 -1.05
N TYR A 231 -26.20 2.90 -0.06
CA TYR A 231 -26.00 1.47 -0.09
C TYR A 231 -27.32 0.71 -0.18
N LEU A 232 -28.36 1.22 0.48
CA LEU A 232 -29.66 0.58 0.38
C LEU A 232 -30.37 0.91 -0.92
N GLY A 233 -29.73 1.66 -1.82
CA GLY A 233 -30.28 1.95 -3.13
C GLY A 233 -31.31 3.05 -3.13
N LEU A 234 -31.44 3.81 -2.05
CA LEU A 234 -32.51 4.79 -1.92
C LEU A 234 -32.14 6.16 -2.49
N GLU A 235 -30.85 6.47 -2.63
CA GLU A 235 -30.43 7.75 -3.19
C GLU A 235 -28.93 7.77 -3.51
N GLN A 236 -28.59 8.15 -4.74
CA GLN A 236 -27.19 8.27 -5.14
C GLN A 236 -26.72 9.70 -4.90
N GLN A 237 -25.83 9.88 -3.93
CA GLN A 237 -25.28 11.17 -3.56
C GLN A 237 -24.22 11.61 -4.56
N ASP A 238 -23.87 12.89 -4.51
CA ASP A 238 -22.69 13.41 -5.18
C ASP A 238 -21.54 13.32 -4.18
N TRP A 239 -20.75 12.25 -4.27
CA TRP A 239 -19.73 12.03 -3.26
C TRP A 239 -18.52 12.94 -3.44
N HIS A 240 -18.42 13.67 -4.57
CA HIS A 240 -17.39 14.70 -4.67
C HIS A 240 -17.72 15.89 -3.77
N ILE A 241 -18.99 16.28 -3.72
CA ILE A 241 -19.42 17.32 -2.80
C ILE A 241 -19.30 16.85 -1.35
N LEU A 242 -19.56 15.57 -1.09
CA LEU A 242 -19.53 15.04 0.27
C LEU A 242 -18.13 14.67 0.73
N LEU A 243 -17.13 14.65 -0.16
CA LEU A 243 -15.80 14.20 0.21
C LEU A 243 -15.24 14.88 1.47
N PRO A 244 -15.32 16.21 1.63
CA PRO A 244 -14.76 16.79 2.87
C PRO A 244 -15.45 16.27 4.13
N ALA A 245 -16.77 16.05 4.07
CA ALA A 245 -17.48 15.48 5.21
C ALA A 245 -17.12 14.01 5.42
N VAL A 246 -16.81 13.27 4.35
CA VAL A 246 -16.32 11.90 4.51
C VAL A 246 -14.97 11.89 5.22
N VAL A 247 -14.08 12.83 4.86
CA VAL A 247 -12.78 12.90 5.51
C VAL A 247 -12.93 13.22 6.99
N ARG A 248 -13.86 14.11 7.32
CA ARG A 248 -14.12 14.40 8.72
C ARG A 248 -14.66 13.16 9.44
N PHE A 249 -15.54 12.40 8.77
CA PHE A 249 -16.05 11.16 9.38
C PHE A 249 -14.93 10.18 9.64
N VAL A 250 -14.04 9.99 8.65
CA VAL A 250 -12.92 9.07 8.82
C VAL A 250 -12.06 9.50 10.01
N ASP A 251 -11.76 10.80 10.13
CA ASP A 251 -10.95 11.27 11.26
C ASP A 251 -11.66 11.08 12.59
N PHE A 252 -12.98 11.29 12.62
CA PHE A 252 -13.73 11.07 13.85
C PHE A 252 -13.64 9.61 14.28
N ALA A 253 -13.80 8.67 13.34
CA ALA A 253 -13.67 7.26 13.67
C ALA A 253 -12.25 6.92 14.13
N LYS A 254 -11.23 7.51 13.51
CA LYS A 254 -9.87 7.24 13.98
C LYS A 254 -9.65 7.79 15.40
N ALA A 255 -10.40 8.83 15.77
CA ALA A 255 -10.24 9.39 17.10
C ALA A 255 -11.01 8.64 18.15
N HIS A 256 -12.11 7.97 17.76
CA HIS A 256 -13.06 7.47 18.74
C HIS A 256 -13.23 5.96 18.79
N ILE A 257 -12.86 5.23 17.73
CA ILE A 257 -13.00 3.77 17.76
C ILE A 257 -12.08 3.20 18.84
N PRO A 258 -12.51 2.22 19.63
CA PRO A 258 -11.66 1.70 20.71
C PRO A 258 -10.32 1.17 20.20
N THR A 259 -9.30 1.23 21.06
CA THR A 259 -7.98 0.69 20.77
C THR A 259 -7.78 -0.70 21.36
N GLN A 260 -8.80 -1.26 21.99
CA GLN A 260 -8.79 -2.61 22.55
C GLN A 260 -10.24 -3.04 22.67
N PHE A 261 -10.49 -4.35 22.61
CA PHE A 261 -11.86 -4.84 22.71
C PHE A 261 -12.51 -4.37 24.00
N THR A 262 -13.72 -3.82 23.86
CA THR A 262 -14.53 -3.31 24.98
C THR A 262 -14.98 -4.45 25.90
N HIS A 265 -16.14 -8.11 26.47
CA HIS A 265 -16.79 -8.27 25.17
C HIS A 265 -15.79 -8.67 24.09
N HIS A 266 -15.05 -9.75 24.30
CA HIS A 266 -14.22 -10.27 23.23
C HIS A 266 -15.07 -11.09 22.27
N HIS A 267 -14.47 -11.50 21.16
CA HIS A 267 -15.21 -12.25 20.16
C HIS A 267 -15.41 -13.71 20.58
N THR B 2 29.04 27.21 -2.66
CA THR B 2 28.26 26.66 -3.76
C THR B 2 28.51 25.17 -3.97
N LEU B 3 27.43 24.41 -3.83
CA LEU B 3 27.49 22.97 -4.02
C LEU B 3 27.98 22.62 -5.42
N SER B 4 28.67 21.49 -5.53
CA SER B 4 29.35 21.07 -6.74
C SER B 4 28.84 19.72 -7.21
N ILE B 5 28.84 19.52 -8.52
CA ILE B 5 28.51 18.21 -9.09
C ILE B 5 29.80 17.41 -9.04
N PRO B 6 29.83 16.25 -8.38
CA PRO B 6 31.05 15.43 -8.38
C PRO B 6 31.53 15.20 -9.79
N PRO B 7 32.81 15.46 -10.07
CA PRO B 7 33.34 15.21 -11.42
C PRO B 7 33.04 13.83 -11.95
N SER B 8 33.02 12.80 -11.08
CA SER B 8 32.86 11.42 -11.56
C SER B 8 31.45 11.12 -12.04
N ILE B 9 30.48 11.99 -11.80
CA ILE B 9 29.13 11.80 -12.35
C ILE B 9 28.73 12.89 -13.32
N GLN B 10 29.62 13.83 -13.65
CA GLN B 10 29.19 14.96 -14.48
C GLN B 10 28.72 14.55 -15.88
N CSS B 11 29.42 13.63 -16.50
CA CSS B 11 29.10 13.19 -17.88
CB CSS B 11 30.11 12.19 -18.40
SG CSS B 11 29.86 11.80 -20.15
SD CSS B 11 30.45 13.61 -21.05
C CSS B 11 27.67 12.55 -17.94
O CSS B 11 26.83 12.92 -18.75
N GLN B 12 27.43 11.57 -17.07
CA GLN B 12 26.16 10.86 -17.05
C GLN B 12 25.00 11.81 -16.68
N THR B 13 25.26 12.68 -15.69
CA THR B 13 24.26 13.66 -15.28
C THR B 13 23.90 14.60 -16.42
N GLU B 14 24.90 15.03 -17.19
CA GLU B 14 24.66 15.87 -18.36
C GLU B 14 23.82 15.12 -19.40
N ALA B 15 24.15 13.84 -19.64
CA ALA B 15 23.38 13.05 -20.61
C ALA B 15 21.93 12.86 -20.16
N ALA B 16 21.72 12.62 -18.86
CA ALA B 16 20.36 12.50 -18.34
C ALA B 16 19.60 13.82 -18.51
N CME B 17 20.29 14.93 -18.23
CA CME B 17 19.68 16.27 -18.33
CB CME B 17 20.64 17.36 -17.85
SG CME B 17 19.97 19.05 -17.92
SD CME B 17 20.61 19.78 -19.71
CE CME B 17 22.10 20.74 -19.29
CZ CME B 17 23.27 19.82 -19.26
OH CME B 17 23.26 18.98 -20.41
C CME B 17 19.29 16.55 -19.82
O CME B 17 18.22 17.07 -20.11
N ARG B 18 20.18 16.19 -20.75
CA ARG B 18 19.89 16.46 -22.16
C ARG B 18 18.69 15.62 -22.63
N LEU B 19 18.63 14.37 -22.17
CA LEU B 19 17.51 13.51 -22.56
C LEU B 19 16.20 14.02 -21.99
N ILE B 20 16.19 14.34 -20.69
CA ILE B 20 14.96 14.87 -20.11
C ILE B 20 14.54 16.14 -20.81
N THR B 21 15.51 17.00 -21.14
CA THR B 21 15.17 18.28 -21.77
C THR B 21 14.53 18.06 -23.15
N ARG B 22 15.10 17.13 -23.93
CA ARG B 22 14.60 16.90 -25.28
CA ARG B 22 14.60 16.90 -25.28
C ARG B 22 13.21 16.26 -25.26
N VAL B 23 12.94 15.37 -24.32
CA VAL B 23 11.68 14.65 -24.33
C VAL B 23 10.54 15.48 -23.74
N THR B 24 10.80 16.26 -22.68
CA THR B 24 9.71 17.04 -22.08
C THR B 24 9.41 18.31 -22.86
N GLY B 25 10.40 18.86 -23.56
CA GLY B 25 10.15 20.01 -24.43
C GLY B 25 9.57 21.18 -23.64
N ASP B 26 8.46 21.72 -24.15
CA ASP B 26 7.92 22.97 -23.65
C ASP B 26 7.37 22.87 -22.23
N THR B 27 7.04 21.68 -21.76
CA THR B 27 6.46 21.55 -20.44
C THR B 27 7.50 21.57 -19.32
N LEU B 28 8.80 21.49 -19.63
CA LEU B 28 9.82 21.42 -18.59
C LEU B 28 9.93 22.74 -17.81
N ARG B 29 9.88 22.65 -16.48
CA ARG B 29 10.10 23.80 -15.61
CA ARG B 29 10.11 23.82 -15.64
C ARG B 29 11.48 23.80 -14.96
N ALA B 30 11.96 22.65 -14.49
CA ALA B 30 13.28 22.58 -13.85
C ALA B 30 13.74 21.13 -13.75
N ILE B 31 15.04 20.96 -13.53
CA ILE B 31 15.65 19.68 -13.18
C ILE B 31 16.63 19.92 -12.05
N HIS B 32 16.48 19.18 -10.95
CA HIS B 32 17.35 19.33 -9.79
C HIS B 32 18.08 18.03 -9.47
N LEU B 33 19.40 18.12 -9.30
CA LEU B 33 20.20 17.06 -8.69
C LEU B 33 20.15 17.24 -7.17
N TYR B 34 19.93 16.14 -6.46
CA TYR B 34 19.83 16.16 -5.00
C TYR B 34 20.32 14.80 -4.47
N GLY B 35 20.18 14.56 -3.15
CA GLY B 35 20.56 13.26 -2.61
C GLY B 35 22.06 13.18 -2.39
N SER B 36 22.60 11.94 -2.27
CA SER B 36 23.95 11.77 -1.75
C SER B 36 25.04 12.33 -2.68
N ALA B 37 24.77 12.46 -3.98
CA ALA B 37 25.73 13.10 -4.87
C ALA B 37 26.04 14.54 -4.48
N VAL B 38 25.10 15.24 -3.83
CA VAL B 38 25.29 16.64 -3.44
CA VAL B 38 25.35 16.62 -3.44
C VAL B 38 25.37 16.78 -1.93
N ALA B 39 24.58 15.99 -1.19
CA ALA B 39 24.55 16.11 0.27
C ALA B 39 25.65 15.32 0.94
N GLY B 40 26.25 14.38 0.23
CA GLY B 40 27.31 13.61 0.85
C GLY B 40 26.94 12.14 0.99
N GLY B 41 27.95 11.29 0.85
CA GLY B 41 27.75 9.86 1.06
C GLY B 41 27.60 9.12 -0.25
N LEU B 42 28.34 9.53 -1.27
CA LEU B 42 28.23 8.90 -2.59
C LEU B 42 29.05 7.62 -2.59
N LYS B 43 28.37 6.46 -2.59
CA LYS B 43 28.99 5.14 -2.50
C LYS B 43 29.02 4.45 -3.86
N PRO B 44 29.83 3.38 -4.02
CA PRO B 44 29.80 2.65 -5.31
C PRO B 44 28.42 2.22 -5.78
N ASN B 45 27.52 1.77 -4.90
CA ASN B 45 26.19 1.36 -5.33
C ASN B 45 25.18 2.51 -5.38
N SER B 46 25.57 3.73 -5.01
CA SER B 46 24.64 4.85 -4.94
C SER B 46 24.12 5.22 -6.33
N ASP B 47 22.85 5.60 -6.38
CA ASP B 47 22.26 6.09 -7.61
C ASP B 47 22.48 7.60 -7.73
N ILE B 48 22.05 8.18 -8.86
CA ILE B 48 22.04 9.63 -9.10
C ILE B 48 20.59 10.09 -9.04
N ASP B 49 20.27 10.97 -8.10
CA ASP B 49 18.89 11.34 -7.80
C ASP B 49 18.53 12.63 -8.53
N LEU B 50 17.48 12.58 -9.35
CA LEU B 50 17.04 13.71 -10.16
C LEU B 50 15.54 13.97 -9.93
N LEU B 51 15.18 15.23 -9.74
CA LEU B 51 13.77 15.65 -9.73
C LEU B 51 13.48 16.45 -10.98
N VAL B 52 12.45 16.05 -11.72
CA VAL B 52 12.01 16.77 -12.92
C VAL B 52 10.66 17.41 -12.61
N THR B 53 10.61 18.74 -12.70
CA THR B 53 9.39 19.50 -12.49
C THR B 53 8.83 19.92 -13.85
N ILE B 54 7.58 19.56 -14.12
CA ILE B 54 6.92 19.89 -15.38
C ILE B 54 5.60 20.63 -15.14
N CSS B 55 5.07 21.27 -16.18
CA CSS B 55 3.89 22.16 -16.04
CB CSS B 55 3.95 23.39 -16.93
SG CSS B 55 5.33 24.51 -16.55
SD CSS B 55 4.83 25.20 -14.68
C CSS B 55 2.61 21.36 -16.35
O CSS B 55 1.60 21.53 -15.70
N GLN B 56 2.66 20.49 -17.35
CA GLN B 56 1.51 19.67 -17.71
C GLN B 56 1.89 18.18 -17.70
N PRO B 57 0.92 17.30 -17.48
CA PRO B 57 1.22 15.86 -17.50
C PRO B 57 1.80 15.43 -18.83
N LEU B 58 2.62 14.37 -18.79
CA LEU B 58 3.19 13.81 -20.00
C LEU B 58 2.18 12.98 -20.76
N THR B 59 2.23 13.04 -22.10
CA THR B 59 1.42 12.13 -22.88
C THR B 59 1.95 10.71 -22.75
N GLU B 60 1.08 9.74 -23.05
CA GLU B 60 1.46 8.34 -22.96
C GLU B 60 2.72 8.04 -23.78
N ALA B 61 2.82 8.63 -24.98
CA ALA B 61 4.00 8.44 -25.80
C ALA B 61 5.23 9.07 -25.16
N GLN B 62 5.07 10.26 -24.58
CA GLN B 62 6.18 10.91 -23.87
C GLN B 62 6.68 10.05 -22.72
N ARG B 63 5.75 9.55 -21.89
CA ARG B 63 6.14 8.69 -20.76
C ARG B 63 6.90 7.46 -21.25
N ALA B 64 6.42 6.83 -22.32
CA ALA B 64 7.11 5.66 -22.86
C ALA B 64 8.49 6.02 -23.39
N THR B 65 8.58 7.15 -24.11
CA THR B 65 9.87 7.60 -24.63
C THR B 65 10.87 7.84 -23.49
N LEU B 66 10.43 8.56 -22.47
CA LEU B 66 11.31 8.86 -21.34
C LEU B 66 11.75 7.58 -20.64
N MET B 67 10.78 6.72 -20.28
CA MET B 67 11.10 5.49 -19.58
C MET B 67 12.10 4.63 -20.37
N GLN B 68 11.86 4.47 -21.67
CA GLN B 68 12.71 3.60 -22.47
C GLN B 68 14.11 4.17 -22.61
N GLU B 69 14.22 5.48 -22.87
CA GLU B 69 15.55 6.06 -23.06
C GLU B 69 16.33 6.16 -21.76
N LEU B 70 15.64 6.33 -20.62
CA LEU B 70 16.35 6.31 -19.34
C LEU B 70 16.96 4.94 -19.08
N LEU B 71 16.27 3.88 -19.51
CA LEU B 71 16.81 2.53 -19.40
C LEU B 71 18.19 2.42 -20.01
N ALA B 72 18.40 3.06 -21.17
CA ALA B 72 19.69 2.97 -21.83
C ALA B 72 20.74 3.85 -21.17
N LEU B 73 20.33 4.87 -20.42
CA LEU B 73 21.25 5.76 -19.72
C LEU B 73 21.61 5.28 -18.32
N SER B 74 20.95 4.24 -17.81
CA SER B 74 21.08 3.77 -16.44
C SER B 74 21.63 2.35 -16.43
N SER B 75 22.30 1.98 -15.34
CA SER B 75 22.70 0.60 -15.12
C SER B 75 22.32 0.17 -13.72
N PRO B 76 22.18 -1.14 -13.49
CA PRO B 76 21.87 -1.61 -12.14
C PRO B 76 22.93 -1.16 -11.16
N PRO B 77 22.55 -0.89 -9.92
CA PRO B 77 23.52 -0.36 -8.96
C PRO B 77 24.68 -1.32 -8.77
N GLY B 78 25.90 -0.78 -8.81
CA GLY B 78 27.09 -1.59 -8.66
C GLY B 78 27.60 -2.24 -9.93
N ALA B 79 26.81 -2.26 -11.01
CA ALA B 79 27.25 -2.91 -12.23
C ALA B 79 28.46 -2.19 -12.84
N SER B 80 28.52 -0.87 -12.71
CA SER B 80 29.60 -0.11 -13.30
C SER B 80 29.95 1.06 -12.41
N ALA B 81 31.23 1.37 -12.33
CA ALA B 81 31.68 2.56 -11.62
C ALA B 81 31.51 3.84 -12.43
N GLU B 82 31.32 3.73 -13.76
CA GLU B 82 31.16 4.92 -14.61
C GLU B 82 29.74 5.12 -15.13
N LYS B 83 28.85 4.14 -14.95
CA LYS B 83 27.47 4.23 -15.40
C LYS B 83 26.60 3.79 -14.21
N ARG B 84 26.19 4.77 -13.42
CA ARG B 84 25.42 4.54 -12.21
C ARG B 84 23.94 4.28 -12.53
N ALA B 85 23.24 3.77 -11.52
CA ALA B 85 21.79 3.74 -11.56
C ALA B 85 21.27 5.17 -11.49
N LEU B 86 20.22 5.45 -12.26
CA LEU B 86 19.55 6.73 -12.23
C LEU B 86 18.22 6.57 -11.51
N GLN B 87 17.86 7.58 -10.72
N GLN B 87 17.85 7.56 -10.71
CA GLN B 87 16.53 7.67 -10.14
CA GLN B 87 16.51 7.65 -10.16
C GLN B 87 15.94 9.00 -10.59
C GLN B 87 15.93 8.99 -10.58
N VAL B 88 14.83 8.95 -11.32
CA VAL B 88 14.22 10.13 -11.89
C VAL B 88 12.78 10.19 -11.42
N THR B 89 12.45 11.22 -10.66
CA THR B 89 11.10 11.46 -10.19
C THR B 89 10.56 12.69 -10.91
N VAL B 90 9.33 12.58 -11.41
CA VAL B 90 8.71 13.63 -12.20
C VAL B 90 7.49 14.10 -11.43
N VAL B 91 7.37 15.42 -11.26
CA VAL B 91 6.31 16.02 -10.45
C VAL B 91 5.74 17.21 -11.19
N LEU B 92 4.43 17.43 -11.03
CA LEU B 92 3.76 18.60 -11.57
C LEU B 92 3.97 19.80 -10.66
N TYR B 93 4.33 20.94 -11.26
CA TYR B 93 4.51 22.16 -10.49
C TYR B 93 3.26 22.49 -9.70
N SER B 94 2.09 22.19 -10.26
CA SER B 94 0.83 22.50 -9.58
C SER B 94 0.59 21.63 -8.35
N GLN B 95 1.38 20.57 -8.14
CA GLN B 95 1.29 19.80 -6.91
C GLN B 95 2.09 20.41 -5.78
N LEU B 96 3.03 21.31 -6.08
CA LEU B 96 3.92 21.85 -5.06
C LEU B 96 3.70 23.32 -4.77
N VAL B 97 3.20 24.09 -5.72
CA VAL B 97 2.96 25.53 -5.54
C VAL B 97 1.58 25.85 -6.10
N PRO B 98 0.56 25.94 -5.24
CA PRO B 98 0.64 25.68 -3.80
C PRO B 98 0.67 24.18 -3.50
N TRP B 99 1.08 23.85 -2.28
CA TRP B 99 1.23 22.46 -1.89
C TRP B 99 -0.10 21.71 -1.90
N CYS B 100 -0.07 20.49 -2.41
N CYS B 100 -0.08 20.49 -2.44
CA CYS B 100 -1.14 19.52 -2.21
CA CYS B 100 -1.12 19.50 -2.21
C CYS B 100 -0.62 18.41 -1.30
C CYS B 100 -0.58 18.45 -1.25
N PHE B 101 -1.36 18.11 -0.24
CA PHE B 101 -0.95 17.12 0.75
C PHE B 101 -1.90 15.93 0.81
N PRO B 102 -1.39 14.74 0.53
CA PRO B 102 -0.03 14.45 0.06
C PRO B 102 0.15 14.81 -1.41
N PRO B 103 1.36 15.17 -1.83
CA PRO B 103 1.56 15.48 -3.25
C PRO B 103 1.52 14.20 -4.06
N SER B 104 1.16 14.37 -5.32
CA SER B 104 1.25 13.30 -6.30
C SER B 104 2.57 13.39 -7.06
N ARG B 105 3.07 12.25 -7.50
CA ARG B 105 4.19 12.23 -8.42
CA ARG B 105 4.20 12.22 -8.42
C ARG B 105 3.73 11.67 -9.76
N GLU B 106 4.15 12.31 -10.84
N GLU B 106 4.12 12.34 -10.84
CA GLU B 106 3.67 11.94 -12.18
CA GLU B 106 3.69 11.93 -12.18
C GLU B 106 4.31 10.64 -12.65
C GLU B 106 4.29 10.59 -12.56
N MET B 107 5.59 10.43 -12.35
CA MET B 107 6.32 9.28 -12.86
C MET B 107 7.53 9.04 -11.97
N GLN B 108 7.99 7.79 -11.96
CA GLN B 108 9.26 7.49 -11.30
C GLN B 108 10.00 6.44 -12.11
N PHE B 109 11.24 6.74 -12.45
CA PHE B 109 12.15 5.76 -13.05
C PHE B 109 13.16 5.31 -12.00
N GLY B 110 13.40 4.01 -11.94
CA GLY B 110 14.46 3.48 -11.12
C GLY B 110 14.82 2.08 -11.54
N GLU B 111 16.03 1.66 -11.14
CA GLU B 111 16.51 0.33 -11.51
C GLU B 111 15.72 -0.79 -10.85
N TRP B 112 15.12 -0.56 -9.69
CA TRP B 112 14.28 -1.58 -9.07
C TRP B 112 13.04 -1.88 -9.90
N LEU B 113 12.76 -1.09 -10.94
CA LEU B 113 11.63 -1.31 -11.83
C LEU B 113 12.05 -1.76 -13.22
N ARG B 114 13.34 -2.06 -13.43
CA ARG B 114 13.83 -2.35 -14.77
C ARG B 114 13.00 -3.45 -15.45
N GLU B 115 12.64 -4.50 -14.70
CA GLU B 115 11.94 -5.63 -15.32
C GLU B 115 10.55 -5.25 -15.80
N ASP B 116 9.87 -4.34 -15.11
CA ASP B 116 8.59 -3.87 -15.61
C ASP B 116 8.78 -2.88 -16.73
N ILE B 117 9.69 -1.92 -16.54
CA ILE B 117 9.87 -0.84 -17.50
C ILE B 117 10.28 -1.41 -18.86
N CYS B 118 11.13 -2.45 -18.86
CA CYS B 118 11.52 -3.06 -20.12
CA CYS B 118 11.53 -3.11 -20.09
C CYS B 118 10.35 -3.73 -20.82
N GLN B 119 9.25 -4.00 -20.13
CA GLN B 119 8.04 -4.54 -20.74
C GLN B 119 7.02 -3.47 -21.07
N GLY B 120 7.34 -2.19 -20.89
CA GLY B 120 6.32 -1.19 -21.10
C GLY B 120 5.32 -1.07 -19.97
N ILE B 121 5.62 -1.67 -18.82
CA ILE B 121 4.79 -1.55 -17.62
C ILE B 121 5.32 -0.37 -16.81
N TYR B 122 4.51 0.68 -16.71
CA TYR B 122 4.91 1.91 -16.01
C TYR B 122 3.99 2.17 -14.83
N GLU B 123 4.55 2.67 -13.74
CA GLU B 123 3.73 3.08 -12.61
C GLU B 123 2.93 4.32 -12.99
N PRO B 124 1.64 4.37 -12.69
CA PRO B 124 0.87 5.58 -12.97
C PRO B 124 1.22 6.68 -11.97
N ALA B 125 0.71 7.88 -12.25
CA ALA B 125 0.76 8.95 -11.25
C ALA B 125 0.04 8.47 -9.98
N GLN B 126 0.56 8.90 -8.83
CA GLN B 126 0.00 8.45 -7.57
C GLN B 126 0.51 9.33 -6.45
N GLN B 127 -0.24 9.35 -5.36
CA GLN B 127 0.18 10.14 -4.20
C GLN B 127 1.40 9.49 -3.55
N ASP B 128 2.27 10.34 -3.02
CA ASP B 128 3.53 9.88 -2.44
C ASP B 128 3.93 10.85 -1.33
N TRP B 129 3.75 10.42 -0.08
CA TRP B 129 4.15 11.27 1.04
C TRP B 129 5.64 11.59 0.99
N ASP B 130 6.44 10.71 0.40
CA ASP B 130 7.88 10.98 0.36
C ASP B 130 8.21 12.24 -0.43
N MET B 131 7.35 12.65 -1.37
CA MET B 131 7.62 13.89 -2.09
CA MET B 131 7.59 13.90 -2.09
C MET B 131 7.76 15.07 -1.14
N VAL B 132 7.09 15.05 0.01
CA VAL B 132 7.28 16.12 0.97
C VAL B 132 8.72 16.13 1.46
N LEU B 133 9.26 14.95 1.75
CA LEU B 133 10.65 14.85 2.20
C LEU B 133 11.62 15.19 1.08
N LEU B 134 11.30 14.80 -0.15
N LEU B 134 11.29 14.75 -0.13
CA LEU B 134 12.20 15.09 -1.26
CA LEU B 134 12.06 15.05 -1.33
C LEU B 134 12.34 16.59 -1.47
C LEU B 134 12.30 16.55 -1.48
N ILE B 135 11.21 17.31 -1.55
CA ILE B 135 11.29 18.76 -1.77
C ILE B 135 11.97 19.44 -0.58
N THR B 136 11.68 18.97 0.65
CA THR B 136 12.33 19.54 1.83
C THR B 136 13.85 19.38 1.75
N GLN B 137 14.32 18.21 1.30
CA GLN B 137 15.77 18.04 1.18
C GLN B 137 16.34 18.87 0.05
N ILE B 138 15.59 18.98 -1.05
CA ILE B 138 16.03 19.77 -2.20
C ILE B 138 16.15 21.25 -1.85
N LEU B 139 15.19 21.77 -1.07
CA LEU B 139 15.29 23.16 -0.62
C LEU B 139 16.55 23.43 0.17
N GLU B 140 17.09 22.42 0.83
CA GLU B 140 18.31 22.59 1.63
C GLU B 140 19.58 22.36 0.80
N THR B 141 19.58 21.30 -0.02
CA THR B 141 20.81 20.85 -0.68
C THR B 141 20.46 20.33 -2.07
N SER B 142 20.74 21.13 -3.10
CA SER B 142 20.46 20.67 -4.46
C SER B 142 21.21 21.53 -5.46
N ILE B 143 21.26 21.06 -6.69
CA ILE B 143 21.88 21.82 -7.78
C ILE B 143 20.87 21.91 -8.93
N PRO B 144 20.56 23.10 -9.42
CA PRO B 144 19.64 23.19 -10.56
C PRO B 144 20.37 22.93 -11.86
N LEU B 145 20.19 21.73 -12.43
CA LEU B 145 20.72 21.45 -13.76
C LEU B 145 19.98 22.23 -14.82
N LYS B 146 18.70 22.51 -14.58
CA LYS B 146 17.86 23.28 -15.49
C LYS B 146 16.91 24.08 -14.63
N GLY B 147 16.62 25.32 -15.06
CA GLY B 147 15.69 26.15 -14.33
C GLY B 147 16.32 26.78 -13.10
N GLU B 148 15.44 27.27 -12.21
CA GLU B 148 15.82 28.08 -11.07
C GLU B 148 16.25 27.22 -9.88
N ARG B 149 17.06 27.83 -9.02
CA ARG B 149 17.44 27.17 -7.78
C ARG B 149 16.19 26.88 -6.96
N ALA B 150 16.27 25.79 -6.16
CA ALA B 150 15.11 25.29 -5.44
C ALA B 150 14.43 26.36 -4.59
N GLU B 151 15.21 27.18 -3.89
CA GLU B 151 14.61 28.14 -2.96
C GLU B 151 13.85 29.25 -3.68
N ARG B 152 14.02 29.41 -4.99
CA ARG B 152 13.28 30.36 -5.80
C ARG B 152 12.06 29.73 -6.47
N LEU B 153 11.90 28.43 -6.39
CA LEU B 153 10.86 27.71 -7.10
C LEU B 153 9.83 27.06 -6.18
N PHE B 154 10.29 26.44 -5.10
CA PHE B 154 9.42 25.77 -4.14
C PHE B 154 9.37 26.55 -2.83
N THR B 155 8.32 26.27 -2.05
CA THR B 155 8.23 26.78 -0.68
C THR B 155 8.29 25.63 0.33
N PRO B 156 8.79 25.88 1.54
CA PRO B 156 8.76 24.83 2.58
C PRO B 156 7.35 24.36 2.87
N ALA B 157 7.22 23.05 3.09
CA ALA B 157 5.98 22.52 3.65
C ALA B 157 5.83 22.99 5.09
N PRO B 158 4.60 23.08 5.60
CA PRO B 158 4.44 23.34 7.04
C PRO B 158 5.04 22.20 7.85
N ALA B 159 5.54 22.55 9.03
CA ALA B 159 6.15 21.55 9.91
C ALA B 159 5.19 20.40 10.19
N ALA B 160 3.89 20.67 10.25
CA ALA B 160 2.92 19.62 10.57
C ALA B 160 2.81 18.58 9.47
N GLN B 161 3.05 18.99 8.22
CA GLN B 161 3.01 18.06 7.10
C GLN B 161 4.32 17.30 6.98
N LEU B 162 5.43 17.96 7.27
CA LEU B 162 6.72 17.25 7.30
C LEU B 162 6.70 16.15 8.36
N LEU B 163 6.10 16.44 9.52
CA LEU B 163 5.98 15.41 10.56
C LEU B 163 5.21 14.20 10.05
N LYS B 164 4.08 14.43 9.39
CA LYS B 164 3.29 13.33 8.88
C LYS B 164 4.05 12.55 7.82
N ALA B 165 4.80 13.25 6.97
CA ALA B 165 5.59 12.58 5.94
C ALA B 165 6.71 11.74 6.56
N LEU B 166 7.33 12.24 7.63
CA LEU B 166 8.39 11.48 8.29
C LEU B 166 7.86 10.22 8.97
N ARG B 167 6.67 10.29 9.55
CA ARG B 167 6.15 9.14 10.31
C ARG B 167 5.31 8.19 9.47
N TYR B 168 4.96 8.57 8.24
CA TYR B 168 4.16 7.68 7.39
C TYR B 168 4.80 6.32 7.17
N PRO B 169 6.07 6.22 6.71
CA PRO B 169 6.64 4.88 6.55
C PRO B 169 6.85 4.20 7.89
N LEU B 170 7.03 4.97 8.95
CA LEU B 170 7.24 4.39 10.27
C LEU B 170 6.05 3.54 10.68
N ASP B 171 4.83 4.06 10.47
CA ASP B 171 3.62 3.32 10.83
C ASP B 171 3.38 2.13 9.90
N LEU B 172 3.87 2.20 8.66
CA LEU B 172 3.64 1.13 7.69
C LEU B 172 4.54 -0.09 7.88
N TRP B 173 5.78 0.08 8.36
CA TRP B 173 6.63 -1.08 8.62
C TRP B 173 6.11 -1.81 9.85
N GLN B 174 5.64 -3.04 9.66
CA GLN B 174 5.05 -3.79 10.77
C GLN B 174 5.52 -5.25 10.80
N SER B 175 5.42 -5.95 9.68
CA SER B 175 5.61 -7.40 9.66
C SER B 175 6.97 -7.78 9.06
N THR B 176 7.32 -9.05 9.24
CA THR B 176 8.51 -9.60 8.59
C THR B 176 8.52 -9.34 7.09
N ALA B 177 7.36 -9.48 6.44
CA ALA B 177 7.28 -9.29 5.00
C ALA B 177 7.36 -7.83 4.59
N ASP B 178 6.96 -6.90 5.47
CA ASP B 178 7.09 -5.48 5.16
C ASP B 178 8.55 -5.08 4.99
N VAL B 179 9.48 -5.80 5.62
CA VAL B 179 10.88 -5.40 5.64
C VAL B 179 11.79 -6.36 4.88
N GLN B 180 11.33 -7.58 4.57
CA GLN B 180 12.17 -8.56 3.90
C GLN B 180 12.64 -8.01 2.56
N GLY B 181 13.92 -8.27 2.23
CA GLY B 181 14.52 -7.74 1.03
C GLY B 181 15.10 -6.34 1.18
N ASP B 182 14.72 -5.59 2.21
CA ASP B 182 15.20 -4.23 2.39
C ASP B 182 15.69 -3.99 3.81
N GLU B 183 16.28 -5.01 4.44
CA GLU B 183 16.54 -4.93 5.88
C GLU B 183 17.47 -3.78 6.23
N TYR B 184 18.67 -3.74 5.62
CA TYR B 184 19.59 -2.70 6.06
C TYR B 184 19.14 -1.33 5.58
N HIS B 185 18.45 -1.26 4.44
CA HIS B 185 17.92 0.03 4.03
C HIS B 185 16.92 0.57 5.04
N ILE B 186 16.04 -0.29 5.53
CA ILE B 186 14.99 0.18 6.44
C ILE B 186 15.59 0.55 7.78
N VAL B 187 16.54 -0.24 8.28
CA VAL B 187 17.23 0.08 9.54
C VAL B 187 17.91 1.46 9.45
N LEU B 188 18.62 1.70 8.34
CA LEU B 188 19.29 2.99 8.18
C LEU B 188 18.30 4.13 8.00
N THR B 189 17.19 3.87 7.32
CA THR B 189 16.22 4.94 7.09
C THR B 189 15.53 5.31 8.39
N LEU B 190 15.23 4.32 9.23
CA LEU B 190 14.74 4.59 10.58
C LEU B 190 15.70 5.48 11.36
N ALA B 191 17.02 5.23 11.23
CA ALA B 191 17.98 6.09 11.91
C ALA B 191 17.92 7.52 11.37
N ARG B 192 17.70 7.67 10.06
CA ARG B 192 17.58 9.03 9.49
C ARG B 192 16.30 9.71 9.95
N ILE B 193 15.20 8.94 10.06
CA ILE B 193 13.94 9.51 10.54
C ILE B 193 14.09 9.95 11.99
N TRP B 194 14.75 9.12 12.80
CA TRP B 194 14.94 9.45 14.20
C TRP B 194 15.75 10.73 14.35
N TYR B 195 16.86 10.80 13.60
CA TYR B 195 17.70 12.00 13.56
C TYR B 195 16.89 13.25 13.21
N THR B 196 16.15 13.21 12.10
CA THR B 196 15.41 14.39 11.66
C THR B 196 14.36 14.83 12.68
N LEU B 197 13.64 13.88 13.26
CA LEU B 197 12.64 14.27 14.27
C LEU B 197 13.32 14.84 15.51
N SER B 198 14.52 14.38 15.84
CA SER B 198 15.15 14.81 17.08
C SER B 198 15.89 16.13 16.92
N THR B 199 16.33 16.45 15.72
CA THR B 199 17.21 17.61 15.50
C THR B 199 16.66 18.60 14.48
N GLY B 200 15.63 18.24 13.72
CA GLY B 200 15.15 19.08 12.65
C GLY B 200 16.00 19.08 11.40
N ARG B 201 17.09 18.32 11.35
CA ARG B 201 18.02 18.33 10.24
C ARG B 201 17.97 17.02 9.47
N PHE B 202 18.59 17.03 8.28
CA PHE B 202 18.78 15.84 7.45
C PHE B 202 20.26 15.49 7.37
N THR B 203 20.56 14.21 7.27
CA THR B 203 21.95 13.76 7.25
C THR B 203 22.04 12.45 6.51
N SER B 204 23.27 12.01 6.24
CA SER B 204 23.51 10.82 5.43
C SER B 204 23.12 9.56 6.20
N LYS B 205 22.95 8.47 5.44
CA LYS B 205 22.65 7.18 6.07
C LYS B 205 23.71 6.82 7.11
N ASP B 206 24.97 6.96 6.73
CA ASP B 206 26.08 6.58 7.60
C ASP B 206 26.14 7.46 8.84
N ALA B 207 26.02 8.79 8.67
CA ALA B 207 26.09 9.73 9.79
C ALA B 207 24.92 9.56 10.75
N ALA B 208 23.73 9.29 10.23
CA ALA B 208 22.57 9.01 11.08
C ALA B 208 22.79 7.75 11.91
N ALA B 209 23.38 6.71 11.33
CA ALA B 209 23.69 5.53 12.13
C ALA B 209 24.66 5.88 13.25
N ASP B 210 25.69 6.68 12.95
CA ASP B 210 26.67 7.05 13.97
C ASP B 210 26.02 7.90 15.06
N TRP B 211 25.08 8.76 14.69
CA TRP B 211 24.40 9.60 15.67
C TRP B 211 23.54 8.77 16.61
N LEU B 212 22.89 7.73 16.10
CA LEU B 212 21.95 6.94 16.90
C LEU B 212 22.62 5.85 17.74
N LEU B 213 23.71 5.27 17.24
CA LEU B 213 24.34 4.11 17.88
C LEU B 213 24.58 4.26 19.38
N PRO B 214 25.23 5.31 19.89
CA PRO B 214 25.52 5.36 21.33
C PRO B 214 24.30 5.64 22.19
N GLN B 215 23.13 5.89 21.60
CA GLN B 215 21.88 6.06 22.33
C GLN B 215 21.09 4.77 22.50
N LEU B 216 21.47 3.71 21.83
CA LEU B 216 20.66 2.51 21.83
C LEU B 216 21.13 1.50 22.88
N PRO B 217 20.20 0.71 23.44
CA PRO B 217 20.62 -0.50 24.15
C PRO B 217 21.44 -1.36 23.21
N GLU B 218 22.38 -2.14 23.78
CA GLU B 218 23.40 -2.75 22.95
C GLU B 218 22.81 -3.72 21.93
N ASP B 219 21.70 -4.38 22.24
CA ASP B 219 21.11 -5.29 21.27
C ASP B 219 20.66 -4.58 20.01
N TYR B 220 20.06 -3.39 20.15
CA TYR B 220 19.65 -2.61 18.98
C TYR B 220 20.85 -1.94 18.31
N ALA B 221 21.86 -1.55 19.09
CA ALA B 221 23.08 -1.03 18.48
C ALA B 221 23.72 -2.08 17.56
N ALA B 222 23.72 -3.35 17.96
CA ALA B 222 24.36 -4.39 17.15
C ALA B 222 23.66 -4.56 15.79
N THR B 223 22.33 -4.45 15.79
CA THR B 223 21.60 -4.55 14.53
C THR B 223 21.91 -3.36 13.63
N LEU B 224 21.87 -2.14 14.18
CA LEU B 224 22.22 -0.93 13.42
C LEU B 224 23.64 -1.04 12.88
N ARG B 225 24.59 -1.48 13.70
CA ARG B 225 25.97 -1.60 13.25
CA ARG B 225 25.96 -1.59 13.24
C ARG B 225 26.08 -2.56 12.07
N ALA B 226 25.33 -3.66 12.12
CA ALA B 226 25.39 -4.64 11.03
C ALA B 226 24.84 -4.05 9.74
N ALA B 227 23.74 -3.28 9.86
CA ALA B 227 23.17 -2.62 8.69
C ALA B 227 24.14 -1.60 8.11
N GLN B 228 24.79 -0.81 8.98
CA GLN B 228 25.74 0.22 8.56
C GLN B 228 26.95 -0.41 7.89
N ARG B 229 27.45 -1.51 8.47
CA ARG B 229 28.63 -2.18 7.94
C ARG B 229 28.37 -2.76 6.56
N GLU B 230 27.17 -3.31 6.35
CA GLU B 230 26.85 -3.84 5.02
C GLU B 230 26.75 -2.71 4.00
N TYR B 231 26.05 -1.63 4.37
CA TYR B 231 25.88 -0.51 3.47
C TYR B 231 27.23 0.10 3.10
N LEU B 232 28.17 0.13 4.04
CA LEU B 232 29.48 0.65 3.74
C LEU B 232 30.34 -0.31 2.92
N GLY B 233 29.82 -1.49 2.58
CA GLY B 233 30.55 -2.46 1.78
C GLY B 233 31.51 -3.33 2.55
N LEU B 234 31.44 -3.34 3.88
CA LEU B 234 32.45 -4.02 4.68
C LEU B 234 32.08 -5.47 5.01
N GLU B 235 30.80 -5.84 4.94
CA GLU B 235 30.39 -7.22 5.22
C GLU B 235 28.94 -7.46 4.83
N GLN B 236 28.70 -8.53 4.06
CA GLN B 236 27.35 -8.91 3.67
C GLN B 236 26.80 -9.90 4.67
N GLN B 237 25.79 -9.48 5.42
CA GLN B 237 25.15 -10.31 6.43
C GLN B 237 24.18 -11.28 5.78
N ASP B 238 23.82 -12.31 6.54
CA ASP B 238 22.69 -13.18 6.17
C ASP B 238 21.46 -12.56 6.82
N TRP B 239 20.69 -11.81 6.04
CA TRP B 239 19.57 -11.10 6.64
C TRP B 239 18.37 -12.00 6.90
N HIS B 240 18.35 -13.23 6.36
CA HIS B 240 17.31 -14.18 6.78
C HIS B 240 17.51 -14.59 8.24
N ILE B 241 18.76 -14.79 8.66
CA ILE B 241 19.05 -15.08 10.06
C ILE B 241 18.82 -13.85 10.94
N LEU B 242 19.06 -12.66 10.41
CA LEU B 242 18.93 -11.44 11.21
C LEU B 242 17.52 -10.87 11.21
N LEU B 243 16.61 -11.42 10.40
CA LEU B 243 15.26 -10.86 10.29
C LEU B 243 14.58 -10.69 11.65
N PRO B 244 14.59 -11.67 12.58
CA PRO B 244 13.91 -11.41 13.85
C PRO B 244 14.48 -10.24 14.61
N ALA B 245 15.80 -10.02 14.55
CA ALA B 245 16.41 -8.86 15.19
C ALA B 245 16.05 -7.58 14.45
N VAL B 246 15.90 -7.62 13.12
CA VAL B 246 15.47 -6.44 12.39
C VAL B 246 14.05 -6.04 12.79
N VAL B 247 13.19 -7.04 12.97
CA VAL B 247 11.81 -6.76 13.38
C VAL B 247 11.80 -6.13 14.76
N ARG B 248 12.63 -6.64 15.68
CA ARG B 248 12.72 -6.02 16.99
C ARG B 248 13.22 -4.59 16.89
N PHE B 249 14.17 -4.33 15.98
CA PHE B 249 14.67 -2.96 15.79
C PHE B 249 13.57 -2.04 15.27
N VAL B 250 12.83 -2.50 14.26
CA VAL B 250 11.70 -1.71 13.76
C VAL B 250 10.73 -1.38 14.90
N ASP B 251 10.39 -2.38 15.73
CA ASP B 251 9.45 -2.14 16.82
C ASP B 251 10.02 -1.17 17.84
N PHE B 252 11.31 -1.27 18.14
CA PHE B 252 11.93 -0.35 19.09
C PHE B 252 11.87 1.08 18.56
N ALA B 253 12.13 1.26 17.26
CA ALA B 253 12.02 2.59 16.66
C ALA B 253 10.58 3.10 16.70
N LYS B 254 9.62 2.23 16.39
CA LYS B 254 8.23 2.68 16.46
C LYS B 254 7.86 3.08 17.88
N ALA B 255 8.52 2.51 18.88
CA ALA B 255 8.18 2.82 20.25
C ALA B 255 8.90 4.06 20.76
N HIS B 256 10.07 4.38 20.21
CA HIS B 256 10.92 5.40 20.80
C HIS B 256 11.12 6.66 19.95
N ILE B 257 10.85 6.61 18.65
CA ILE B 257 11.02 7.80 17.81
C ILE B 257 10.01 8.86 18.24
N PRO B 258 10.40 10.14 18.33
CA PRO B 258 9.47 11.16 18.81
C PRO B 258 8.23 11.29 17.93
N THR B 259 7.11 11.70 18.55
CA THR B 259 5.85 11.91 17.83
C THR B 259 5.65 13.36 17.43
N GLN B 260 6.60 14.23 17.74
CA GLN B 260 6.57 15.64 17.37
C GLN B 260 8.01 16.11 17.39
N PHE B 261 8.31 17.12 16.57
CA PHE B 261 9.67 17.65 16.52
C PHE B 261 10.16 18.05 17.91
N THR B 262 11.34 17.54 18.27
CA THR B 262 11.99 17.79 19.54
C THR B 262 12.27 19.28 19.76
N HIS B 265 13.84 22.70 18.01
CA HIS B 265 14.52 22.11 16.87
C HIS B 265 13.56 21.72 15.75
N HIS B 266 12.74 22.66 15.30
CA HIS B 266 12.01 22.40 14.07
C HIS B 266 12.95 22.52 12.88
N HIS B 267 12.50 21.99 11.74
CA HIS B 267 13.30 22.13 10.52
C HIS B 267 13.24 23.57 10.01
N HIS B 268 14.36 24.05 9.48
CA HIS B 268 14.42 25.39 8.91
C HIS B 268 15.25 25.43 7.63
CA CA C . -20.09 -9.77 -0.18
CA CA D . -16.78 -9.43 -1.24
PG ATP E . -22.28 -7.03 0.46
O1G ATP E . -22.24 -5.57 0.15
O2G ATP E . -21.29 -7.78 -0.39
O3G ATP E . -23.69 -7.64 0.34
PB ATP E . -20.77 -8.08 2.73
O1B ATP E . -21.02 -8.09 4.22
O2B ATP E . -20.67 -9.42 2.11
O3B ATP E . -21.88 -7.18 2.00
PA ATP E . -18.13 -7.43 1.53
O1A ATP E . -17.87 -6.08 0.91
O2A ATP E . -18.25 -8.53 0.56
O3A ATP E . -19.43 -7.26 2.45
O5' ATP E . -17.03 -7.74 2.63
C5' ATP E . -16.77 -6.75 3.64
C4' ATP E . -15.27 -6.58 3.77
O4' ATP E . -14.98 -5.69 4.86
C3' ATP E . -14.54 -7.89 4.07
O3' ATP E . -13.25 -7.88 3.47
C2' ATP E . -14.46 -7.85 5.61
O2' ATP E . -13.44 -8.67 6.15
C1' ATP E . -14.17 -6.37 5.81
N9 ATP E . -14.43 -5.86 7.15
C8 ATP E . -13.57 -5.07 7.87
N7 ATP E . -13.90 -4.92 9.12
C5 ATP E . -15.10 -5.61 9.23
C6 ATP E . -15.96 -5.85 10.32
N6 ATP E . -15.75 -5.38 11.56
N1 ATP E . -17.07 -6.59 10.10
C2 ATP E . -17.28 -7.06 8.86
N3 ATP E . -16.53 -6.91 7.76
C4 ATP E . -15.44 -6.19 8.02
C11 SRY F . -8.66 1.83 -1.46
N11 SRY F . -8.45 3.15 -2.05
CA1 SRY F . -7.31 3.72 -2.17
NB1 SRY F . -6.28 3.02 -1.69
NC1 SRY F . -7.06 4.91 -2.71
C21 SRY F . -9.12 0.84 -2.52
O21 SRY F . -8.14 0.74 -3.54
C31 SRY F . -9.44 -0.52 -1.93
N31 SRY F . -9.92 -1.40 -2.97
CD1 SRY F . -9.25 -2.37 -3.45
NE1 SRY F . -9.86 -3.05 -4.41
NF1 SRY F . -8.03 -2.77 -3.08
C41 SRY F . -10.50 -0.38 -0.83
O41 SRY F . -10.61 -1.68 -0.22
C51 SRY F . -10.05 0.61 0.24
O51 SRY F . -11.06 0.76 1.24
C61 SRY F . -9.75 1.96 -0.40
O61 SRY F . -9.34 2.88 0.60
C12 SRY F . -11.90 -2.14 0.10
C22 SRY F . -11.80 -3.67 0.12
C32 SRY F . -12.17 -4.03 1.57
O32 SRY F . -13.59 -4.24 1.72
CG2 SRY F . -11.50 -5.31 2.09
OG2 SRY F . -11.85 -6.36 1.65
OG2 SRY F . -10.32 -5.32 2.28
C42 SRY F . -11.69 -2.78 2.32
CH2 SRY F . -12.29 -2.59 3.69
O42 SRY F . -12.09 -1.71 1.43
O13 SRY F . -12.76 -4.28 -0.75
C13 SRY F . -12.29 -4.67 -2.02
C23 SRY F . -13.09 -5.87 -2.51
N23 SRY F . -12.97 -6.99 -1.57
CI3 SRY F . -11.57 -7.37 -1.29
C33 SRY F . -14.54 -5.45 -2.71
O33 SRY F . -15.29 -6.54 -3.25
C43 SRY F . -14.60 -4.26 -3.66
O43 SRY F . -15.94 -3.83 -3.82
C53 SRY F . -13.74 -3.12 -3.12
O53 SRY F . -12.39 -3.59 -2.93
C63 SRY F . -13.67 -1.96 -4.08
O63 SRY F . -12.70 -0.99 -3.67
C1 EDO G . -31.46 -1.81 -4.95
O1 EDO G . -32.39 -1.69 -3.88
C2 EDO G . -30.11 -1.19 -4.59
O2 EDO G . -29.21 -1.23 -5.70
C1 PEG H . -9.53 -27.52 15.14
O1 PEG H . -10.94 -27.70 15.15
C2 PEG H . -8.99 -27.53 13.75
O2 PEG H . -7.57 -27.44 13.81
C3 PEG H . -6.94 -27.97 12.66
C4 PEG H . -6.25 -29.25 13.01
O4 PEG H . -5.29 -29.06 14.04
CL CL I . -30.81 -10.96 3.45
CA CA J . 20.36 8.31 -3.83
PG ATP K . 22.42 6.58 -1.51
O1G ATP K . 23.83 7.07 -1.80
O2G ATP K . 21.51 6.67 -2.70
O3G ATP K . 22.38 5.15 -0.94
PB ATP K . 20.71 8.68 -0.45
O1B ATP K . 20.76 9.39 -1.75
O2B ATP K . 20.87 9.59 0.76
O3B ATP K . 21.82 7.54 -0.38
PA ATP K . 18.19 7.40 -1.29
O1A ATP K . 18.49 7.62 -2.72
O2A ATP K . 17.95 5.94 -0.93
O3A ATP K . 19.36 7.87 -0.31
O5' ATP K . 16.97 8.25 -0.78
C5' ATP K . 16.63 8.19 0.62
C4' ATP K . 15.14 8.01 0.70
O4' ATP K . 14.73 7.93 2.09
C3' ATP K . 14.34 9.17 0.10
O3' ATP K . 13.14 8.69 -0.48
C2' ATP K . 14.09 10.04 1.33
O2' ATP K . 13.02 10.97 1.18
C1' ATP K . 13.78 8.95 2.36
N9 ATP K . 13.88 9.36 3.75
C8 ATP K . 12.91 9.15 4.70
N7 ATP K . 13.12 9.76 5.84
C5 ATP K . 14.32 10.41 5.64
C6 ATP K . 15.08 11.28 6.46
N6 ATP K . 14.74 11.61 7.71
N1 ATP K . 16.22 11.78 5.95
C2 ATP K . 16.58 11.43 4.71
N3 ATP K . 15.95 10.64 3.84
C4 ATP K . 14.81 10.17 4.36
C11 SRY L . 8.81 -2.17 0.86
N11 SRY L . 8.66 -3.59 1.16
CA1 SRY L . 7.55 -4.22 1.23
NB1 SRY L . 7.41 -5.52 1.50
NC1 SRY L . 6.46 -3.50 1.01
C21 SRY L . 9.41 -1.99 -0.54
O21 SRY L . 8.50 -2.53 -1.47
C31 SRY L . 9.70 -0.52 -0.83
N31 SRY L . 10.30 -0.39 -2.16
CD1 SRY L . 9.67 -0.13 -3.23
NE1 SRY L . 8.35 0.08 -3.36
NF1 SRY L . 10.43 -0.06 -4.32
C41 SRY L . 10.64 0.05 0.22
O41 SRY L . 10.71 1.46 -0.04
C51 SRY L . 10.06 -0.12 1.62
O51 SRY L . 10.94 0.40 2.61
C61 SRY L . 9.78 -1.59 1.90
O61 SRY L . 9.20 -1.73 3.19
C12 SRY L . 11.98 2.07 0.04
C22 SRY L . 11.94 3.31 -0.85
C32 SRY L . 12.20 4.47 0.13
O32 SRY L . 13.61 4.75 0.23
CG2 SRY L . 11.52 5.79 -0.23
OG2 SRY L . 10.32 5.83 -0.23
OG2 SRY L . 11.96 6.47 -1.12
C42 SRY L . 11.63 3.88 1.43
CH2 SRY L . 12.14 4.55 2.69
O42 SRY L . 12.03 2.50 1.38
O13 SRY L . 13.02 3.32 -1.80
C13 SRY L . 12.69 2.84 -3.09
C23 SRY L . 13.59 3.54 -4.11
N23 SRY L . 13.44 4.99 -4.01
CI3 SRY L . 12.04 5.44 -4.11
C33 SRY L . 15.02 3.09 -3.86
O33 SRY L . 15.91 3.70 -4.80
C43 SRY L . 15.10 1.58 -3.96
O43 SRY L . 16.44 1.13 -3.75
C53 SRY L . 14.16 0.94 -2.95
O53 SRY L . 12.82 1.42 -3.16
C63 SRY L . 14.10 -0.57 -3.06
O63 SRY L . 13.13 -1.13 -2.18
C1 PEG M . 9.84 31.11 -3.13
O1 PEG M . 10.20 32.47 -3.14
C2 PEG M . 8.39 30.95 -3.41
O2 PEG M . 8.20 30.39 -4.70
C3 PEG M . 6.83 30.17 -5.00
C4 PEG M . 6.25 31.39 -5.67
O4 PEG M . 4.84 31.45 -5.49
CL CL N . 30.71 11.78 -0.58
CA CA O . 17.18 7.36 -4.82
#